data_7MM8
#
_entry.id   7MM8
#
_cell.length_a   45.405
_cell.length_b   59.245
_cell.length_c   96.661
_cell.angle_alpha   90.000
_cell.angle_beta   90.000
_cell.angle_gamma   90.000
#
_symmetry.space_group_name_H-M   'P 21 21 21'
#
loop_
_entity.id
_entity.type
_entity.pdbx_description
1 polymer 'NS3/4a protease'
2 non-polymer 'ZINC ION'
3 non-polymer '(1R,2R)-2-fluorocyclopentyl {(2R,4S,6S,12Z,13aS,14aR,16aS)-2-[(7-methoxy-3-methylquinoxalin-2-yl)oxy]-14a-[(1-methylcyclopropane-1-sulfonyl)carbamoyl]-5,16-dioxo-1,2,3,5,6,7,8,9,10,11,13a,14,14a,15,16,16a-hexadecahydrocyclopropa[e]pyrrolo[1,2-a][1,4]diazacyclopentadecin-6-yl}carbamate'
4 non-polymer 1,2-ETHANEDIOL
5 non-polymer 'SULFATE ION'
6 water water
#
_entity_poly.entity_id   1
_entity_poly.type   'polypeptide(L)'
_entity_poly.pdbx_seq_one_letter_code
;SHMASMKKKGSVVIVGRINLSGDTAYAQQTRGEEGCQETSQTGRDKNQVEGEVQIVSTATQTFLATSINGVLWTVYHGAG
TRTIASPKGPVTQMYTNVDKDLVGWQAPQGSRSLTPCTCGSSDLYLVTRHADVIPVRRRGDSRGSLLSPRPISYLKGSSG
GPLLCPAGHAVGIFRAAVSTRGVAKAVDFIPVESLETTMRS
;
_entity_poly.pdbx_strand_id   A
#
loop_
_chem_comp.id
_chem_comp.type
_chem_comp.name
_chem_comp.formula
EDO non-polymer 1,2-ETHANEDIOL 'C2 H6 O2'
SO4 non-polymer 'SULFATE ION' 'O4 S -2'
ZJM non-polymer '(1R,2R)-2-fluorocyclopentyl {(2R,4S,6S,12Z,13aS,14aR,16aS)-2-[(7-methoxy-3-methylquinoxalin-2-yl)oxy]-14a-[(1-methylcyclopropane-1-sulfonyl)carbamoyl]-5,16-dioxo-1,2,3,5,6,7,8,9,10,11,13a,14,14a,15,16,16a-hexadecahydrocyclopropa[e]pyrrolo[1,2-a][1,4]diazacyclopentadecin-6-yl}carbamate' 'C38 H49 F N6 O9 S'
ZN non-polymer 'ZINC ION' 'Zn 2'
#
# COMPACT_ATOMS: atom_id res chain seq x y z
N SER A 1 -23.01 -21.10 22.63
CA SER A 1 -22.70 -22.24 21.77
C SER A 1 -21.40 -22.03 20.98
N HIS A 2 -20.96 -23.05 20.25
CA HIS A 2 -19.81 -22.83 19.38
C HIS A 2 -20.10 -21.73 18.34
N MET A 3 -21.23 -21.81 17.64
CA MET A 3 -21.44 -20.87 16.57
C MET A 3 -21.80 -19.50 17.06
N ALA A 4 -22.44 -19.40 18.20
CA ALA A 4 -22.70 -18.08 18.77
C ALA A 4 -21.38 -17.36 19.03
N SER A 5 -20.34 -18.10 19.44
CA SER A 5 -19.08 -17.52 19.89
C SER A 5 -18.14 -17.18 18.73
N MET A 6 -18.53 -17.48 17.49
CA MET A 6 -17.65 -17.28 16.33
C MET A 6 -17.41 -15.80 16.16
N LYS A 7 -16.13 -15.39 16.13
CA LYS A 7 -15.78 -13.99 15.95
C LYS A 7 -15.82 -13.63 14.47
N LYS A 8 -16.13 -12.37 14.17
CA LYS A 8 -16.13 -11.88 12.79
C LYS A 8 -14.78 -11.22 12.50
N LYS A 9 -14.19 -11.56 11.36
CA LYS A 9 -12.95 -10.92 10.95
C LYS A 9 -13.23 -9.43 10.66
N GLY A 10 -12.36 -8.63 11.09
CA GLY A 10 -12.53 -7.21 10.96
C GLY A 10 -12.03 -6.65 9.64
N SER A 11 -12.23 -5.35 9.47
CA SER A 11 -11.86 -4.62 8.27
C SER A 11 -10.44 -4.06 8.33
N VAL A 12 -9.86 -3.87 7.15
CA VAL A 12 -8.71 -2.98 7.00
C VAL A 12 -9.18 -1.58 7.35
N VAL A 13 -8.32 -0.80 8.01
CA VAL A 13 -8.62 0.58 8.40
C VAL A 13 -7.48 1.50 7.93
N ILE A 14 -7.85 2.63 7.36
CA ILE A 14 -6.90 3.70 7.03
C ILE A 14 -6.51 4.37 8.34
N VAL A 15 -5.20 4.36 8.67
CA VAL A 15 -4.68 4.94 9.91
C VAL A 15 -3.79 6.09 9.64
N GLY A 16 -3.52 6.43 8.40
CA GLY A 16 -2.63 7.55 8.10
C GLY A 16 -2.45 7.67 6.61
N ARG A 17 -1.48 8.51 6.22
CA ARG A 17 -1.19 8.68 4.82
C ARG A 17 0.24 9.06 4.65
N ILE A 18 0.75 8.86 3.43
CA ILE A 18 2.05 9.39 3.03
C ILE A 18 1.73 10.54 2.08
N ASN A 19 2.03 11.77 2.55
CA ASN A 19 1.75 12.96 1.77
C ASN A 19 2.86 13.14 0.75
N LEU A 20 2.47 13.22 -0.52
CA LEU A 20 3.39 13.40 -1.63
C LEU A 20 3.05 14.65 -2.45
N SER A 21 2.19 15.52 -1.94
CA SER A 21 1.61 16.66 -2.65
C SER A 21 2.51 17.89 -2.70
N GLY A 22 3.61 17.94 -1.97
CA GLY A 22 4.48 19.11 -2.04
C GLY A 22 5.89 18.72 -2.38
N ASP A 23 6.86 19.57 -1.97
CA ASP A 23 8.27 19.30 -2.21
C ASP A 23 8.89 18.35 -1.19
N THR A 24 8.11 17.90 -0.19
CA THR A 24 8.65 17.07 0.87
C THR A 24 7.66 15.97 1.16
N ALA A 25 8.12 14.74 1.12
CA ALA A 25 7.25 13.61 1.48
C ALA A 25 7.19 13.52 3.00
N TYR A 26 6.02 13.18 3.56
CA TYR A 26 5.98 12.97 4.99
C TYR A 26 4.77 12.13 5.37
N ALA A 27 4.92 11.36 6.46
CA ALA A 27 3.86 10.51 7.00
C ALA A 27 2.94 11.31 7.94
N GLN A 28 1.66 11.02 7.91
CA GLN A 28 0.68 11.62 8.80
C GLN A 28 -0.08 10.48 9.43
N GLN A 29 -0.30 10.49 10.73
CA GLN A 29 -1.17 9.55 11.39
C GLN A 29 -2.55 10.18 11.52
N THR A 30 -3.61 9.44 11.20
CA THR A 30 -4.95 9.93 11.30
C THR A 30 -5.82 9.16 12.31
N ARG A 31 -5.39 8.02 12.81
CA ARG A 31 -6.04 7.29 13.86
C ARG A 31 -4.98 6.61 14.70
N GLY A 32 -5.18 6.64 16.04
CA GLY A 32 -4.37 5.88 16.95
C GLY A 32 -4.88 4.46 17.12
N GLU A 33 -4.20 3.68 18.00
CA GLU A 33 -4.42 2.22 18.09
C GLU A 33 -5.83 1.85 18.50
N GLU A 34 -6.36 2.47 19.56
CA GLU A 34 -7.69 2.11 20.05
C GLU A 34 -8.73 2.42 19.00
N GLY A 35 -8.61 3.57 18.33
CA GLY A 35 -9.56 3.95 17.29
C GLY A 35 -9.44 3.02 16.10
N CYS A 36 -8.22 2.56 15.81
CA CYS A 36 -8.02 1.61 14.71
C CYS A 36 -8.80 0.33 15.03
N GLN A 37 -8.57 -0.21 16.21
CA GLN A 37 -9.21 -1.47 16.58
C GLN A 37 -10.73 -1.33 16.57
N GLU A 38 -11.24 -0.22 17.09
CA GLU A 38 -12.69 -0.03 17.10
C GLU A 38 -13.27 0.06 15.69
N THR A 39 -12.59 0.79 14.80
CA THR A 39 -13.06 0.97 13.42
C THR A 39 -12.88 -0.30 12.63
N SER A 40 -11.91 -1.13 12.98
CA SER A 40 -11.82 -2.44 12.30
C SER A 40 -13.02 -3.29 12.60
N GLN A 41 -13.48 -3.23 13.84
CA GLN A 41 -14.61 -4.08 14.21
C GLN A 41 -15.90 -3.55 13.64
N THR A 42 -16.15 -2.25 13.62
CA THR A 42 -17.38 -1.76 13.07
C THR A 42 -17.39 -1.68 11.56
N GLY A 43 -16.23 -1.45 10.95
CA GLY A 43 -16.21 -1.16 9.53
C GLY A 43 -16.63 0.22 9.15
N ARG A 44 -16.85 1.12 10.16
CA ARG A 44 -17.38 2.45 9.89
C ARG A 44 -16.31 3.48 10.22
N ASP A 45 -15.80 4.15 9.17
CA ASP A 45 -14.72 5.14 9.29
C ASP A 45 -15.29 6.44 8.77
N LYS A 46 -15.54 7.37 9.68
CA LYS A 46 -16.00 8.69 9.29
C LYS A 46 -14.88 9.67 9.05
N ASN A 47 -13.59 9.26 9.10
CA ASN A 47 -12.57 10.26 8.81
C ASN A 47 -12.62 10.63 7.34
N GLN A 48 -12.17 11.85 7.02
CA GLN A 48 -12.14 12.18 5.59
C GLN A 48 -10.78 11.77 4.99
N VAL A 49 -10.82 11.08 3.97
CA VAL A 49 -9.63 10.54 3.28
C VAL A 49 -9.09 11.58 2.34
N GLU A 50 -7.76 11.68 2.27
CA GLU A 50 -7.11 12.51 1.31
C GLU A 50 -5.91 11.75 0.69
N GLY A 51 -5.52 12.16 -0.50
CA GLY A 51 -4.28 11.73 -1.13
C GLY A 51 -4.35 10.38 -1.77
N GLU A 52 -3.18 9.97 -2.18
CA GLU A 52 -2.96 8.79 -3.01
C GLU A 52 -2.48 7.56 -2.25
N VAL A 53 -1.62 7.74 -1.27
CA VAL A 53 -0.98 6.64 -0.54
C VAL A 53 -1.49 6.65 0.89
N GLN A 54 -2.15 5.59 1.30
CA GLN A 54 -2.68 5.44 2.63
C GLN A 54 -1.84 4.51 3.43
N ILE A 55 -1.74 4.75 4.74
CA ILE A 55 -1.21 3.79 5.71
C ILE A 55 -2.42 3.03 6.24
N VAL A 56 -2.36 1.70 6.22
CA VAL A 56 -3.51 0.86 6.55
C VAL A 56 -3.10 -0.15 7.60
N SER A 57 -4.08 -0.64 8.37
N SER A 57 -4.10 -0.65 8.32
CA SER A 57 -3.83 -1.67 9.37
CA SER A 57 -3.86 -1.65 9.35
C SER A 57 -5.02 -2.62 9.49
C SER A 57 -5.02 -2.63 9.41
N THR A 58 -4.71 -3.84 9.86
CA THR A 58 -5.70 -4.79 10.31
C THR A 58 -5.56 -4.88 11.79
N ALA A 59 -6.19 -5.92 12.38
CA ALA A 59 -5.97 -6.02 13.81
C ALA A 59 -4.56 -6.40 14.18
N THR A 60 -3.80 -6.96 13.27
CA THR A 60 -2.54 -7.60 13.48
C THR A 60 -1.40 -7.05 12.65
N GLN A 61 -1.65 -6.35 11.54
N GLN A 61 -1.66 -6.31 11.56
CA GLN A 61 -0.54 -5.94 10.68
CA GLN A 61 -0.59 -5.91 10.66
C GLN A 61 -0.80 -4.54 10.17
C GLN A 61 -0.79 -4.47 10.22
N THR A 62 0.30 -3.84 9.78
CA THR A 62 0.22 -2.52 9.15
C THR A 62 1.11 -2.48 7.92
N PHE A 63 0.63 -1.79 6.88
CA PHE A 63 1.21 -1.77 5.55
C PHE A 63 0.67 -0.53 4.85
N LEU A 64 0.78 -0.45 3.52
CA LEU A 64 0.34 0.68 2.74
C LEU A 64 -0.64 0.27 1.67
N ALA A 65 -1.33 1.25 1.12
CA ALA A 65 -2.27 1.04 0.01
C ALA A 65 -2.19 2.26 -0.88
N THR A 66 -2.30 2.09 -2.18
CA THR A 66 -2.09 3.15 -3.16
C THR A 66 -3.21 3.19 -4.17
N SER A 67 -3.79 4.39 -4.39
N SER A 67 -3.78 4.39 -4.40
CA SER A 67 -4.85 4.54 -5.35
CA SER A 67 -4.87 4.55 -5.36
C SER A 67 -4.30 4.82 -6.73
C SER A 67 -4.32 4.82 -6.74
N ILE A 68 -4.74 4.00 -7.70
CA ILE A 68 -4.38 4.13 -9.13
C ILE A 68 -5.62 3.70 -9.88
N ASN A 69 -5.98 4.43 -10.94
CA ASN A 69 -7.12 4.02 -11.79
C ASN A 69 -8.41 3.89 -10.98
N GLY A 70 -8.55 4.72 -9.94
CA GLY A 70 -9.79 4.80 -9.19
C GLY A 70 -10.02 3.63 -8.24
N VAL A 71 -8.98 2.85 -7.95
CA VAL A 71 -9.03 1.70 -7.06
C VAL A 71 -7.90 1.89 -6.04
N LEU A 72 -8.19 1.60 -4.81
CA LEU A 72 -7.18 1.56 -3.74
C LEU A 72 -6.65 0.16 -3.70
N TRP A 73 -5.39 -0.02 -4.11
CA TRP A 73 -4.72 -1.31 -4.23
C TRP A 73 -3.83 -1.58 -3.04
N THR A 74 -3.73 -2.82 -2.64
CA THR A 74 -2.74 -3.28 -1.67
C THR A 74 -2.41 -4.75 -1.91
N VAL A 75 -1.60 -5.30 -1.05
CA VAL A 75 -1.18 -6.68 -1.11
C VAL A 75 -2.11 -7.63 -0.38
N TYR A 76 -2.36 -8.77 -1.02
CA TYR A 76 -3.14 -9.84 -0.41
C TYR A 76 -2.50 -10.30 0.87
N HIS A 77 -1.16 -10.32 0.95
CA HIS A 77 -0.56 -10.87 2.16
C HIS A 77 -0.72 -9.94 3.35
N GLY A 78 -1.14 -8.70 3.13
CA GLY A 78 -1.54 -7.81 4.22
C GLY A 78 -3.06 -7.85 4.47
N ALA A 79 -3.84 -7.71 3.39
CA ALA A 79 -5.28 -7.54 3.58
C ALA A 79 -6.11 -8.80 3.51
N GLY A 80 -5.58 -9.87 2.95
CA GLY A 80 -6.42 -11.06 2.68
C GLY A 80 -7.62 -10.61 1.92
N THR A 81 -8.78 -11.25 2.28
CA THR A 81 -10.06 -10.99 1.68
C THR A 81 -10.86 -9.93 2.42
N ARG A 82 -10.22 -9.13 3.29
CA ARG A 82 -10.99 -8.28 4.16
C ARG A 82 -11.66 -7.11 3.42
N THR A 83 -12.75 -6.65 4.06
CA THR A 83 -13.38 -5.42 3.68
C THR A 83 -12.51 -4.27 4.19
N ILE A 84 -12.82 -3.05 3.72
CA ILE A 84 -12.18 -1.83 4.20
C ILE A 84 -13.25 -1.01 4.89
N ALA A 85 -12.87 -0.38 5.99
CA ALA A 85 -13.81 0.49 6.68
C ALA A 85 -14.03 1.75 5.85
N SER A 86 -15.25 2.29 5.87
CA SER A 86 -15.61 3.46 5.06
C SER A 86 -16.71 4.21 5.78
N PRO A 87 -17.01 5.43 5.34
CA PRO A 87 -18.10 6.20 6.00
C PRO A 87 -19.44 5.52 5.95
N LYS A 88 -19.65 4.63 4.98
CA LYS A 88 -20.92 3.91 4.85
C LYS A 88 -20.90 2.47 5.37
N GLY A 89 -19.86 2.06 6.09
CA GLY A 89 -19.69 0.73 6.55
C GLY A 89 -18.67 -0.02 5.72
N PRO A 90 -18.50 -1.28 6.06
CA PRO A 90 -17.45 -2.05 5.40
C PRO A 90 -17.70 -2.20 3.91
N VAL A 91 -16.65 -2.07 3.13
CA VAL A 91 -16.71 -2.16 1.66
C VAL A 91 -15.97 -3.44 1.22
N THR A 92 -16.64 -4.30 0.47
CA THR A 92 -16.08 -5.52 -0.08
C THR A 92 -15.13 -5.20 -1.24
N GLN A 93 -14.06 -6.02 -1.32
CA GLN A 93 -13.11 -5.86 -2.42
C GLN A 93 -13.79 -5.92 -3.78
N MET A 94 -13.34 -5.14 -4.73
CA MET A 94 -13.73 -5.26 -6.12
C MET A 94 -12.75 -5.96 -6.96
N TYR A 95 -11.57 -6.32 -6.45
CA TYR A 95 -10.56 -7.06 -7.17
C TYR A 95 -9.82 -7.91 -6.15
N THR A 96 -9.63 -9.19 -6.41
CA THR A 96 -8.85 -10.05 -5.53
C THR A 96 -8.09 -11.00 -6.44
N ASN A 97 -6.77 -11.01 -6.36
CA ASN A 97 -5.96 -11.97 -7.17
C ASN A 97 -4.76 -12.41 -6.34
N VAL A 98 -4.90 -13.49 -5.62
CA VAL A 98 -3.85 -14.04 -4.78
C VAL A 98 -2.60 -14.36 -5.58
N ASP A 99 -2.78 -14.69 -6.86
CA ASP A 99 -1.67 -15.10 -7.73
C ASP A 99 -0.76 -13.95 -8.04
N LYS A 100 -1.25 -12.70 -7.91
CA LYS A 100 -0.43 -11.48 -8.05
C LYS A 100 -0.13 -10.86 -6.68
N ASP A 101 -0.63 -11.47 -5.60
CA ASP A 101 -0.56 -10.88 -4.28
C ASP A 101 -1.23 -9.51 -4.25
N LEU A 102 -2.40 -9.40 -4.87
CA LEU A 102 -3.03 -8.12 -5.16
C LEU A 102 -4.49 -8.06 -4.82
N VAL A 103 -4.93 -7.03 -4.11
CA VAL A 103 -6.33 -6.75 -3.87
C VAL A 103 -6.66 -5.30 -4.13
N GLY A 104 -7.94 -5.01 -4.34
CA GLY A 104 -8.37 -3.64 -4.52
C GLY A 104 -9.77 -3.40 -4.04
N TRP A 105 -9.99 -2.20 -3.54
CA TRP A 105 -11.33 -1.69 -3.23
C TRP A 105 -11.57 -0.40 -4.03
N GLN A 106 -12.82 -0.08 -4.36
CA GLN A 106 -13.06 1.24 -4.92
C GLN A 106 -12.45 2.32 -4.08
N ALA A 107 -11.78 3.25 -4.75
CA ALA A 107 -11.01 4.22 -4.00
C ALA A 107 -11.95 5.04 -3.12
N PRO A 108 -11.55 5.36 -1.89
CA PRO A 108 -12.41 6.15 -1.03
C PRO A 108 -12.79 7.49 -1.61
N GLN A 109 -14.01 7.93 -1.27
CA GLN A 109 -14.38 9.29 -1.63
C GLN A 109 -13.41 10.26 -1.00
N GLY A 110 -12.93 11.20 -1.79
CA GLY A 110 -11.99 12.19 -1.31
C GLY A 110 -10.53 11.86 -1.60
N SER A 111 -10.23 10.62 -1.95
CA SER A 111 -8.87 10.27 -2.34
C SER A 111 -8.58 10.73 -3.76
N ARG A 112 -7.32 10.60 -4.19
CA ARG A 112 -6.89 10.89 -5.54
C ARG A 112 -6.04 9.73 -5.99
N SER A 113 -5.97 9.49 -7.32
CA SER A 113 -5.18 8.39 -7.84
C SER A 113 -3.90 8.94 -8.44
N LEU A 114 -2.78 8.18 -8.29
CA LEU A 114 -1.60 8.38 -9.11
C LEU A 114 -1.87 8.02 -10.55
N THR A 115 -1.11 8.67 -11.49
CA THR A 115 -1.21 8.38 -12.87
C THR A 115 -0.26 7.23 -13.22
N PRO A 116 -0.70 6.22 -13.99
CA PRO A 116 0.21 5.17 -14.46
C PRO A 116 1.36 5.76 -15.26
N CYS A 117 2.54 5.23 -15.07
CA CYS A 117 3.74 5.67 -15.74
C CYS A 117 3.79 5.11 -17.13
N THR A 118 4.07 5.96 -18.12
CA THR A 118 4.25 5.55 -19.52
C THR A 118 5.64 5.90 -20.00
N CYS A 119 6.58 6.20 -19.09
CA CYS A 119 7.95 6.71 -19.34
C CYS A 119 8.87 5.60 -19.84
N GLY A 120 8.67 4.37 -19.41
CA GLY A 120 9.69 3.32 -19.57
C GLY A 120 11.00 3.64 -18.89
N SER A 121 10.97 4.42 -17.81
N SER A 121 10.97 4.47 -17.84
CA SER A 121 12.21 4.78 -17.14
CA SER A 121 12.22 4.80 -17.17
C SER A 121 12.72 3.61 -16.32
C SER A 121 12.71 3.62 -16.34
N SER A 122 14.01 3.57 -16.16
CA SER A 122 14.53 2.59 -15.22
C SER A 122 14.94 3.21 -13.92
N ASP A 123 14.84 4.51 -13.75
CA ASP A 123 15.15 5.16 -12.47
C ASP A 123 13.84 5.24 -11.69
N LEU A 124 13.73 4.46 -10.66
CA LEU A 124 12.52 4.36 -9.85
C LEU A 124 12.78 4.85 -8.44
N TYR A 125 11.67 5.11 -7.72
CA TYR A 125 11.70 5.66 -6.36
C TYR A 125 10.64 4.94 -5.54
N LEU A 126 11.07 4.22 -4.51
N LEU A 126 11.08 4.19 -4.54
CA LEU A 126 10.15 3.46 -3.68
CA LEU A 126 10.19 3.46 -3.65
C LEU A 126 9.84 4.26 -2.42
C LEU A 126 9.82 4.39 -2.48
N VAL A 127 8.55 4.51 -2.17
CA VAL A 127 8.08 5.34 -1.05
C VAL A 127 7.71 4.43 0.10
N THR A 128 8.32 4.64 1.26
CA THR A 128 8.12 3.79 2.42
C THR A 128 7.04 4.36 3.32
N ARG A 129 6.67 3.57 4.33
CA ARG A 129 5.68 3.99 5.31
C ARG A 129 6.22 5.08 6.20
N HIS A 130 7.52 5.33 6.18
CA HIS A 130 8.11 6.44 6.93
C HIS A 130 8.34 7.61 6.05
N ALA A 131 7.86 7.56 4.82
CA ALA A 131 8.05 8.60 3.82
C ALA A 131 9.46 8.72 3.39
N ASP A 132 10.25 7.69 3.50
CA ASP A 132 11.55 7.69 2.86
C ASP A 132 11.35 7.42 1.39
N VAL A 133 12.19 8.02 0.55
CA VAL A 133 12.10 7.87 -0.88
C VAL A 133 13.39 7.18 -1.32
N ILE A 134 13.32 5.92 -1.71
CA ILE A 134 14.49 5.06 -1.90
C ILE A 134 14.73 4.88 -3.39
N PRO A 135 15.87 5.31 -3.93
CA PRO A 135 16.14 5.02 -5.34
C PRO A 135 16.29 3.53 -5.61
N VAL A 136 15.70 3.10 -6.75
CA VAL A 136 15.67 1.70 -7.20
C VAL A 136 15.94 1.74 -8.68
N ARG A 137 16.85 0.87 -9.18
CA ARG A 137 17.09 0.78 -10.60
C ARG A 137 16.25 -0.39 -11.11
N ARG A 138 15.39 -0.10 -12.07
CA ARG A 138 14.54 -1.12 -12.65
C ARG A 138 15.35 -2.21 -13.32
N ARG A 139 14.92 -3.47 -13.11
CA ARG A 139 15.54 -4.64 -13.77
C ARG A 139 14.35 -5.36 -14.33
N GLY A 140 14.10 -5.13 -15.54
CA GLY A 140 12.87 -5.79 -16.06
C GLY A 140 11.51 -5.29 -15.60
N ASP A 141 10.48 -6.13 -15.74
CA ASP A 141 9.16 -5.61 -15.61
C ASP A 141 8.63 -5.41 -14.17
N SER A 142 9.08 -6.22 -13.23
N SER A 142 9.03 -6.28 -13.24
CA SER A 142 8.48 -6.24 -11.89
CA SER A 142 8.47 -6.31 -11.87
C SER A 142 9.56 -6.28 -10.83
C SER A 142 9.55 -6.25 -10.82
N ARG A 143 10.79 -5.90 -11.16
CA ARG A 143 11.89 -5.97 -10.23
C ARG A 143 12.78 -4.76 -10.28
N GLY A 144 13.53 -4.56 -9.24
CA GLY A 144 14.50 -3.49 -9.18
C GLY A 144 15.58 -3.75 -8.16
N SER A 145 16.72 -3.10 -8.37
CA SER A 145 17.83 -3.17 -7.42
C SER A 145 17.94 -1.93 -6.59
N LEU A 146 18.20 -2.10 -5.30
N LEU A 146 18.27 -2.11 -5.32
CA LEU A 146 18.55 -0.97 -4.48
CA LEU A 146 18.53 -1.01 -4.43
C LEU A 146 19.96 -0.50 -4.79
C LEU A 146 19.97 -0.53 -4.61
N LEU A 147 20.13 0.79 -4.80
CA LEU A 147 21.43 1.35 -5.09
C LEU A 147 22.34 1.31 -3.88
N SER A 148 21.81 1.64 -2.74
CA SER A 148 22.52 1.76 -1.48
C SER A 148 22.07 0.71 -0.48
N PRO A 149 22.97 0.14 0.31
CA PRO A 149 22.59 -0.91 1.27
C PRO A 149 21.86 -0.34 2.48
N ARG A 150 20.62 -0.80 2.71
CA ARG A 150 19.86 -0.44 3.90
C ARG A 150 19.49 -1.74 4.60
N PRO A 151 19.37 -1.72 5.92
CA PRO A 151 18.88 -2.91 6.59
C PRO A 151 17.47 -3.21 6.11
N ILE A 152 17.15 -4.49 6.00
CA ILE A 152 15.79 -4.85 5.52
C ILE A 152 14.72 -4.20 6.39
N SER A 153 14.99 -3.92 7.65
CA SER A 153 13.94 -3.34 8.45
C SER A 153 13.42 -2.00 7.93
N TYR A 154 14.20 -1.24 7.20
CA TYR A 154 13.79 0.01 6.65
C TYR A 154 12.63 -0.15 5.63
N LEU A 155 12.49 -1.35 5.06
CA LEU A 155 11.44 -1.62 4.07
C LEU A 155 10.24 -2.37 4.65
N LYS A 156 10.37 -3.06 5.77
CA LYS A 156 9.27 -3.76 6.36
C LYS A 156 8.09 -2.84 6.64
N GLY A 157 6.87 -3.31 6.31
CA GLY A 157 5.70 -2.53 6.53
C GLY A 157 5.30 -1.58 5.41
N SER A 158 6.06 -1.64 4.33
CA SER A 158 5.85 -0.77 3.18
C SER A 158 5.26 -1.45 1.98
N SER A 159 4.93 -2.74 2.07
CA SER A 159 4.20 -3.39 0.97
C SER A 159 2.91 -2.62 0.72
N GLY A 160 2.52 -2.55 -0.54
CA GLY A 160 1.41 -1.77 -0.97
C GLY A 160 1.70 -0.37 -1.35
N GLY A 161 2.88 0.13 -1.03
CA GLY A 161 3.29 1.47 -1.40
C GLY A 161 3.78 1.57 -2.82
N PRO A 162 3.90 2.79 -3.33
CA PRO A 162 4.24 2.94 -4.74
C PRO A 162 5.73 2.86 -5.02
N LEU A 163 6.03 2.40 -6.24
CA LEU A 163 7.25 2.71 -6.96
C LEU A 163 6.88 3.76 -7.99
N LEU A 164 7.58 4.89 -7.95
CA LEU A 164 7.36 6.03 -8.82
C LEU A 164 8.52 6.20 -9.78
N CYS A 165 8.18 6.71 -10.97
CA CYS A 165 9.23 7.15 -11.90
C CYS A 165 9.71 8.56 -11.52
N PRO A 166 10.68 9.12 -12.28
CA PRO A 166 11.18 10.46 -11.89
C PRO A 166 10.13 11.51 -11.93
N ALA A 167 9.11 11.38 -12.75
CA ALA A 167 8.04 12.33 -12.89
C ALA A 167 6.94 12.15 -11.87
N GLY A 168 7.01 11.11 -11.03
CA GLY A 168 6.04 10.88 -10.01
C GLY A 168 4.82 10.05 -10.44
N HIS A 169 4.91 9.39 -11.57
CA HIS A 169 3.86 8.49 -11.97
C HIS A 169 4.09 7.12 -11.29
N ALA A 170 3.03 6.33 -11.22
CA ALA A 170 3.14 4.99 -10.61
C ALA A 170 3.62 3.95 -11.59
N VAL A 171 4.72 3.34 -11.26
CA VAL A 171 5.25 2.21 -12.01
C VAL A 171 4.74 0.88 -11.44
N GLY A 172 4.43 0.79 -10.17
CA GLY A 172 3.93 -0.45 -9.56
C GLY A 172 3.74 -0.22 -8.08
N ILE A 173 3.36 -1.29 -7.39
CA ILE A 173 3.25 -1.27 -5.94
C ILE A 173 4.14 -2.34 -5.34
N PHE A 174 4.76 -1.98 -4.24
CA PHE A 174 5.79 -2.81 -3.60
C PHE A 174 5.18 -4.11 -3.01
N ARG A 175 5.75 -5.27 -3.40
CA ARG A 175 5.25 -6.58 -3.03
C ARG A 175 6.19 -7.34 -2.11
N ALA A 176 7.48 -7.43 -2.48
CA ALA A 176 8.42 -8.29 -1.74
C ALA A 176 9.83 -7.75 -1.90
N ALA A 177 10.72 -8.21 -1.00
CA ALA A 177 12.08 -7.69 -0.96
C ALA A 177 13.04 -8.85 -0.80
N VAL A 178 14.25 -8.72 -1.37
CA VAL A 178 15.28 -9.75 -1.38
C VAL A 178 16.47 -9.16 -0.67
N SER A 179 17.02 -9.92 0.30
CA SER A 179 18.14 -9.41 1.09
C SER A 179 19.23 -10.49 1.15
N THR A 180 20.44 -10.04 1.46
CA THR A 180 21.58 -10.95 1.64
C THR A 180 22.21 -10.56 2.96
N ARG A 181 22.30 -11.53 3.87
CA ARG A 181 22.86 -11.28 5.21
C ARG A 181 22.22 -10.07 5.84
N GLY A 182 20.90 -9.94 5.69
CA GLY A 182 20.19 -8.88 6.37
C GLY A 182 20.11 -7.52 5.66
N VAL A 183 20.78 -7.37 4.53
CA VAL A 183 20.89 -6.09 3.82
C VAL A 183 19.96 -6.20 2.64
N ALA A 184 19.02 -5.26 2.53
CA ALA A 184 18.11 -5.30 1.38
C ALA A 184 18.87 -5.00 0.11
N LYS A 185 18.68 -5.84 -0.88
CA LYS A 185 19.36 -5.76 -2.15
C LYS A 185 18.42 -5.45 -3.32
N ALA A 186 17.19 -5.96 -3.34
CA ALA A 186 16.36 -5.84 -4.51
C ALA A 186 14.91 -5.88 -4.04
N VAL A 187 14.05 -5.35 -4.89
CA VAL A 187 12.62 -5.33 -4.66
C VAL A 187 11.86 -5.93 -5.82
N ASP A 188 10.64 -6.42 -5.50
CA ASP A 188 9.67 -7.03 -6.39
C ASP A 188 8.37 -6.26 -6.23
N PHE A 189 7.76 -5.94 -7.35
CA PHE A 189 6.57 -5.09 -7.35
C PHE A 189 5.56 -5.58 -8.35
N ILE A 190 4.31 -5.25 -8.08
CA ILE A 190 3.22 -5.51 -8.98
C ILE A 190 3.20 -4.40 -10.04
N PRO A 191 3.42 -4.67 -11.32
CA PRO A 191 3.49 -3.57 -12.29
C PRO A 191 2.14 -2.90 -12.46
N VAL A 192 2.16 -1.61 -12.80
CA VAL A 192 0.97 -0.81 -12.91
C VAL A 192 0.03 -1.33 -14.00
N GLU A 193 0.54 -2.02 -15.00
CA GLU A 193 -0.37 -2.53 -16.03
C GLU A 193 -1.38 -3.46 -15.41
N SER A 194 -1.04 -4.13 -14.31
CA SER A 194 -1.97 -5.00 -13.63
C SER A 194 -2.90 -4.28 -12.67
N LEU A 195 -2.61 -3.03 -12.27
CA LEU A 195 -3.32 -2.20 -11.29
C LEU A 195 -4.45 -1.46 -11.97
N GLU A 196 -5.29 -2.24 -12.65
CA GLU A 196 -6.43 -1.65 -13.40
C GLU A 196 -7.46 -2.76 -13.57
N THR A 197 -8.76 -2.39 -13.49
CA THR A 197 -9.93 -3.22 -13.68
C THR A 197 -10.66 -2.75 -14.91
ZN ZN B . 6.67 8.03 -15.72
C13 ZJM C . 8.61 -6.50 2.08
C13 ZJM C . 8.56 -6.63 2.11
C15 ZJM C . 10.04 -11.80 1.40
C15 ZJM C . 10.08 -11.88 1.31
C22 ZJM C . 10.34 -11.12 3.86
C22 ZJM C . 10.41 -11.19 3.75
C24 ZJM C . 4.55 -13.07 -0.46
C24 ZJM C . 4.41 -13.07 -0.43
C28 ZJM C . 2.11 -13.74 -1.78
C28 ZJM C . 2.15 -13.70 -1.67
C01 ZJM C . 6.36 -10.46 1.49
C01 ZJM C . 6.50 -10.36 1.45
C02 ZJM C . 5.24 -11.32 2.13
C02 ZJM C . 5.32 -11.23 1.95
C04 ZJM C . 6.81 -9.22 2.27
C04 ZJM C . 6.79 -9.23 2.38
C05 ZJM C . 5.73 -12.71 1.58
C05 ZJM C . 5.75 -12.67 1.54
C06 ZJM C . 7.03 -12.77 1.93
C06 ZJM C . 7.17 -12.79 1.76
C08 ZJM C . 8.89 -10.80 1.26
C08 ZJM C . 8.93 -10.84 1.18
C11 ZJM C . 7.11 -6.75 2.19
C11 ZJM C . 7.02 -6.77 2.26
C12 ZJM C . 6.42 -6.12 3.41
C12 ZJM C . 6.38 -6.12 3.43
C14 ZJM C . 7.66 -5.55 1.42
C14 ZJM C . 7.71 -5.80 1.25
C18 ZJM C . 11.02 -11.30 2.48
C18 ZJM C . 11.02 -11.31 2.37
C19 ZJM C . 10.26 -12.63 -0.95
C19 ZJM C . 10.23 -12.64 -1.00
C23 ZJM C . 11.30 -10.29 4.76
C23 ZJM C . 11.27 -10.35 4.72
C25 ZJM C . 4.45 -12.95 -1.97
C25 ZJM C . 4.37 -12.99 -1.85
C27 ZJM C . 2.23 -13.89 -0.31
C27 ZJM C . 2.21 -13.89 -0.29
C29 ZJM C . 1.08 -14.38 0.56
C29 ZJM C . 1.09 -14.35 0.53
C31 ZJM C . 0.80 -14.13 -2.47
C31 ZJM C . 0.91 -14.11 -2.41
C32 ZJM C . 5.61 -12.44 -2.79
C32 ZJM C . 5.46 -12.47 -2.72
C33 ZJM C . -0.22 -14.74 -0.12
C33 ZJM C . -0.15 -14.69 -0.17
C34 ZJM C . -0.35 -14.62 -1.62
C34 ZJM C . -0.16 -14.57 -1.61
C36 ZJM C . -1.07 -15.21 2.08
C36 ZJM C . -1.07 -15.21 2.05
C42 ZJM C . 3.36 -7.24 5.82
C42 ZJM C . 3.44 -7.21 5.73
C43 ZJM C . 1.96 -7.06 5.22
C43 ZJM C . 2.02 -7.02 5.19
C44 ZJM C . 2.27 -6.59 6.65
C44 ZJM C . 2.36 -6.55 6.58
C45 ZJM C . 3.84 -8.65 6.17
C45 ZJM C . 3.94 -8.59 6.11
C46 ZJM C . 9.58 -5.84 3.11
C46 ZJM C . 9.45 -5.96 3.17
C47 ZJM C . 10.50 -6.55 3.81
C47 ZJM C . 10.39 -6.63 3.86
C48 ZJM C . 10.75 -8.05 3.57
C48 ZJM C . 10.81 -8.05 3.50
C49 ZJM C . 10.84 -8.81 4.90
C49 ZJM C . 10.92 -8.84 4.79
C50 ZJM C . 10.57 -13.34 -3.20
C50 ZJM C . 10.42 -12.70 -3.41
C51 ZJM C . 9.63 -12.79 -3.98
C51 ZJM C . 10.87 -11.98 -4.46
C52 ZJM C . 10.38 -11.91 -5.15
C52 ZJM C . 11.88 -12.99 -5.22
C53 ZJM C . 11.71 -12.68 -5.38
C53 ZJM C . 12.18 -14.08 -4.15
C54 ZJM C . 11.84 -13.56 -4.32
C54 ZJM C . 10.95 -14.30 -3.57
F55 ZJM C . 8.96 -13.84 -4.57
F55 ZJM C . 9.78 -11.68 -5.25
N03 ZJM C . 7.49 -11.25 1.50
N03 ZJM C . 7.62 -11.28 1.44
N10 ZJM C . 6.53 -7.94 1.62
N10 ZJM C . 6.52 -7.97 1.74
N17 ZJM C . 10.77 -11.86 0.16
N17 ZJM C . 10.74 -11.95 0.07
N26 ZJM C . 3.48 -13.52 0.34
N26 ZJM C . 3.41 -13.49 0.36
N30 ZJM C . 3.22 -13.30 -2.61
N30 ZJM C . 3.18 -13.34 -2.47
N37 ZJM C . 5.29 -6.79 3.96
N37 ZJM C . 5.29 -6.77 3.96
O07 ZJM C . 5.76 -12.74 0.12
O07 ZJM C . 5.61 -12.78 0.13
O09 ZJM C . 7.43 -9.30 3.29
O09 ZJM C . 7.21 -9.24 3.51
O16 ZJM C . 9.10 -9.66 0.97
O16 ZJM C . 9.12 -9.69 0.88
O20 ZJM C . 10.99 -12.51 -2.13
O20 ZJM C . 10.96 -12.41 -2.10
O21 ZJM C . 9.26 -13.28 -0.83
O21 ZJM C . 9.21 -13.30 -0.91
O35 ZJM C . -1.26 -15.20 0.68
O35 ZJM C . -1.15 -15.16 0.67
O38 ZJM C . 6.82 -5.08 3.87
O38 ZJM C . 6.79 -5.04 3.88
O40 ZJM C . 3.98 -4.79 4.93
O40 ZJM C . 3.96 -4.86 4.93
O41 ZJM C . 5.57 -5.83 6.33
O41 ZJM C . 5.60 -5.96 6.32
S39 ZJM C . 4.58 -6.06 5.28
S39 ZJM C . 4.64 -6.07 5.19
H131 ZJM C . 8.97 -6.67 1.19
H131 ZJM C . 8.93 -6.88 1.25
H151 ZJM C . 9.68 -12.67 1.64
H151 ZJM C . 9.76 -12.76 1.56
H222 ZJM C . 10.18 -11.99 4.26
H222 ZJM C . 10.30 -12.08 4.13
H221 ZJM C . 9.49 -10.66 3.76
H221 ZJM C . 9.54 -10.77 3.67
H011 ZJM C . 5.99 -10.22 0.63
H011 ZJM C . 6.28 -10.02 0.57
H021 ZJM C . 4.37 -11.08 1.79
H021 ZJM C . 4.49 -10.98 1.51
H022 ZJM C . 5.26 -11.29 3.09
H022 ZJM C . 5.22 -11.16 2.91
H051 ZJM C . 5.16 -13.40 1.95
H051 ZJM C . 5.25 -13.30 2.07
H061 ZJM C . 7.14 -12.92 2.88
H061 ZJM C . 7.35 -13.03 2.69
H062 ZJM C . 7.51 -13.44 1.42
H062 ZJM C . 7.57 -13.42 1.16
H141 ZJM C . 7.61 -5.62 0.46
H141 ZJM C . 7.67 -6.08 0.32
H142 ZJM C . 7.56 -4.69 1.86
H142 ZJM C . 7.68 -4.86 1.48
H182 ZJM C . 11.36 -10.44 2.19
H182 ZJM C . 11.30 -10.42 2.09
H181 ZJM C . 11.74 -11.94 2.56
H181 ZJM C . 11.79 -11.89 2.43
H232 ZJM C . 12.18 -10.31 4.37
H232 ZJM C . 12.20 -10.43 4.44
H231 ZJM C . 11.32 -10.69 5.64
H231 ZJM C . 11.18 -10.71 5.61
H291 ZJM C . 1.19 -14.45 1.48
H291 ZJM C . 1.17 -14.44 1.46
H311 ZJM C . 0.71 -14.06 -3.39
H311 ZJM C . 0.85 -14.07 -3.33
H321 ZJM C . 5.48 -12.67 -3.73
H321 ZJM C . 5.31 -12.76 -3.63
H323 ZJM C . 6.44 -12.86 -2.48
H323 ZJM C . 6.31 -12.83 -2.40
H322 ZJM C . 5.69 -11.48 -2.71
H322 ZJM C . 5.49 -11.51 -2.68
H341 ZJM C . -1.16 -14.85 -2.03
H341 ZJM C . -0.95 -14.81 -2.05
H361 ZJM C . -1.85 -15.58 2.51
H361 ZJM C . -1.89 -15.62 2.41
H362 ZJM C . -0.93 -14.30 2.40
H362 ZJM C . -0.98 -14.31 2.41
H363 ZJM C . -0.30 -15.75 2.30
H363 ZJM C . -0.30 -15.74 2.32
H431 ZJM C . 1.43 -7.86 5.15
H431 ZJM C . 1.48 -7.83 5.15
H432 ZJM C . 1.88 -6.35 4.56
H432 ZJM C . 1.91 -6.32 4.53
H442 ZJM C . 2.35 -5.64 6.77
H442 ZJM C . 2.45 -5.60 6.68
H441 ZJM C . 1.90 -7.14 7.36
H441 ZJM C . 2.01 -7.10 7.30
H451 ZJM C . 4.39 -8.99 5.45
H451 ZJM C . 4.45 -8.96 5.38
H453 ZJM C . 3.07 -9.23 6.28
H453 ZJM C . 3.17 -9.17 6.28
H452 ZJM C . 4.34 -8.63 6.99
H452 ZJM C . 4.49 -8.52 6.90
H461 ZJM C . 9.53 -4.92 3.24
H461 ZJM C . 9.34 -5.06 3.34
H471 ZJM C . 10.99 -6.11 4.46
H471 ZJM C . 10.80 -6.22 4.58
H482 ZJM C . 11.58 -8.16 3.08
H482 ZJM C . 11.67 -8.04 3.05
H481 ZJM C . 10.01 -8.41 3.04
H481 ZJM C . 10.14 -8.45 2.92
H491 ZJM C . 9.96 -8.79 5.32
H491 ZJM C . 10.06 -8.77 5.23
H492 ZJM C . 11.48 -8.35 5.46
H492 ZJM C . 11.60 -8.41 5.33
H501 ZJM C . 10.23 -14.17 -2.82
H501 ZJM C . 9.47 -12.53 -3.51
H511 ZJM C . 9.07 -12.18 -3.46
H511 ZJM C . 11.34 -11.17 -4.20
H521 ZJM C . 9.85 -11.89 -5.96
H521 ZJM C . 11.46 -13.39 -5.99
H522 ZJM C . 10.56 -11.00 -4.84
H522 ZJM C . 12.70 -12.53 -5.47
H531 ZJM C . 12.46 -12.06 -5.38
H531 ZJM C . 12.81 -13.75 -3.50
H532 ZJM C . 11.67 -13.17 -6.22
H532 ZJM C . 12.51 -14.89 -4.57
H541 ZJM C . 12.69 -13.40 -3.86
H541 ZJM C . 11.04 -14.73 -2.70
H542 ZJM C . 11.81 -14.47 -4.66
H542 ZJM C . 10.37 -14.81 -4.14
H101 ZJM C . 6.04 -7.90 0.92
H101 ZJM C . 6.04 -7.96 1.02
H171 ZJM C . 11.51 -11.45 0.08
H171 ZJM C . 11.49 -11.54 -0.02
H371 ZJM C . 4.99 -7.54 3.62
H371 ZJM C . 4.98 -7.51 3.64
C1 EDO D . 11.44 -9.78 -16.85
O1 EDO D . 10.92 -8.56 -17.23
C2 EDO D . 12.88 -9.58 -17.10
O2 EDO D . 13.31 -8.95 -18.28
H11 EDO D . 11.02 -10.59 -17.44
H12 EDO D . 11.23 -9.99 -15.79
HO1 EDO D . 10.02 -8.48 -16.90
H21 EDO D . 13.35 -10.57 -17.07
H22 EDO D . 13.28 -9.01 -16.26
HO2 EDO D . 14.20 -8.62 -18.16
C1 EDO E . 2.11 -9.71 -11.14
O1 EDO E . 1.32 -9.04 -12.21
C2 EDO E . 3.39 -9.68 -12.04
O2 EDO E . 4.77 -9.60 -11.51
H11 EDO E . 1.76 -10.71 -10.89
H12 EDO E . 2.19 -9.14 -10.21
HO1 EDO E . 1.64 -9.32 -13.08
H21 EDO E . 3.28 -8.82 -12.70
H22 EDO E . 3.36 -10.59 -12.65
HO2 EDO E . 5.37 -9.29 -12.19
C1 EDO F . 4.27 -12.75 -6.98
O1 EDO F . 4.04 -13.45 -8.22
C2 EDO F . 3.10 -12.94 -6.03
O2 EDO F . 3.21 -14.11 -5.17
H11 EDO F . 5.19 -13.13 -6.52
H12 EDO F . 4.41 -11.69 -7.19
HO1 EDO F . 4.89 -13.78 -8.56
H21 EDO F . 2.18 -13.02 -6.61
H22 EDO F . 3.03 -12.05 -5.40
HO2 EDO F . 2.67 -14.82 -5.54
C1 EDO G . -2.65 -2.65 14.51
C1 EDO G . -2.46 -2.96 14.14
O1 EDO G . -2.43 -1.22 14.55
O1 EDO G . -2.56 -1.60 14.65
C2 EDO G . -1.72 -3.31 13.50
C2 EDO G . -1.31 -3.64 14.89
O2 EDO G . -0.38 -2.77 13.50
O2 EDO G . -1.70 -3.67 16.27
H11 EDO G . -3.69 -2.84 14.24
H11 EDO G . -2.27 -2.95 13.06
H12 EDO G . -2.48 -3.07 15.50
H12 EDO G . -3.40 -3.50 14.31
HO1 EDO G . -3.09 -0.80 15.13
HO1 EDO G . -3.49 -1.37 14.77
H21 EDO G . -1.66 -4.38 13.72
H21 EDO G . -0.39 -3.07 14.76
H22 EDO G . -2.14 -3.20 12.50
H22 EDO G . -1.15 -4.64 14.51
HO2 EDO G . -0.14 -2.52 14.40
HO2 EDO G . -1.58 -2.79 16.66
C1 EDO H . 19.01 9.43 -1.60
O1 EDO H . 18.46 9.55 -2.92
C2 EDO H . 18.86 8.00 -1.08
O2 EDO H . 19.90 7.16 -1.59
H11 EDO H . 18.50 10.12 -0.92
H12 EDO H . 20.06 9.70 -1.62
HO1 EDO H . 18.84 8.87 -3.49
H21 EDO H . 17.89 7.60 -1.38
H22 EDO H . 18.90 8.00 0.01
HO2 EDO H . 19.61 6.23 -1.53
C1 EDO I . 5.56 2.41 -19.91
O1 EDO I . 6.25 2.79 -18.69
C2 EDO I . 5.97 1.04 -20.42
O2 EDO I . 5.91 0.21 -19.25
H11 EDO I . 5.76 3.16 -20.69
H12 EDO I . 4.48 2.41 -19.71
HO1 EDO I . 5.62 3.04 -18.01
H21 EDO I . 6.97 1.06 -20.84
H22 EDO I . 5.28 0.68 -21.20
HO2 EDO I . 6.81 -0.04 -18.98
C1 EDO J . -13.58 -12.40 6.16
O1 EDO J . -13.86 -13.15 4.96
C2 EDO J . -12.53 -11.29 5.88
O2 EDO J . -11.19 -11.75 5.54
H11 EDO J . -13.20 -13.07 6.93
H12 EDO J . -14.51 -11.94 6.52
HO1 EDO J . -13.02 -13.49 4.60
H21 EDO J . -12.48 -10.66 6.77
H22 EDO J . -12.90 -10.67 5.06
HO2 EDO J . -10.72 -11.07 5.05
C1 EDO K . -9.29 -9.77 12.97
O1 EDO K . -10.29 -8.84 12.61
C2 EDO K . -9.79 -10.63 14.11
O2 EDO K . -9.60 -9.90 15.32
H11 EDO K . -8.38 -9.24 13.27
H12 EDO K . -9.03 -10.40 12.11
HO1 EDO K . -9.91 -8.18 12.02
H21 EDO K . -9.25 -11.58 14.14
H22 EDO K . -10.86 -10.85 13.97
HO2 EDO K . -9.71 -8.95 15.15
C1 EDO L . -14.32 2.22 -0.68
O1 EDO L . -14.57 3.13 -1.75
C2 EDO L . -13.51 2.98 0.37
O2 EDO L . -14.19 4.06 1.07
H11 EDO L . -13.77 1.35 -1.04
H12 EDO L . -15.27 1.87 -0.26
HO1 EDO L . -15.52 3.23 -1.86
H21 EDO L . -13.17 2.26 1.11
H22 EDO L . -12.63 3.39 -0.12
HO2 EDO L . -13.69 4.89 0.94
C1 EDO M . -2.95 -11.73 8.95
O1 EDO M . -4.07 -12.03 9.79
C2 EDO M . -1.73 -12.09 9.73
O2 EDO M . -1.85 -11.36 10.98
H11 EDO M . -2.95 -10.68 8.68
H12 EDO M . -3.00 -12.32 8.02
HO1 EDO M . -4.12 -12.99 9.93
H21 EDO M . -0.83 -11.80 9.19
H22 EDO M . -1.68 -13.17 9.91
HO2 EDO M . -1.45 -11.87 11.69
S SO4 N . 0.36 16.24 10.42
O1 SO4 N . 0.46 16.79 9.10
O2 SO4 N . 1.67 16.20 11.05
O3 SO4 N . -0.37 17.15 11.27
O4 SO4 N . -0.21 14.93 10.39
#